data_3VXV
#
_entry.id   3VXV
#
_cell.length_a   89.074
_cell.length_b   94.989
_cell.length_c   54.738
_cell.angle_alpha   90.00
_cell.angle_beta   90.00
_cell.angle_gamma   90.00
#
_symmetry.space_group_name_H-M   'C 2 2 21'
#
loop_
_entity.id
_entity.type
_entity.pdbx_description
1 polymer 'Methyl-CpG-binding domain protein 4'
2 polymer "DNA (5'-D(*GP*TP*CP*AP*CP*TP*AP*CP*(5CM)P*GP*GP*AP*CP*A)-3')"
3 polymer "DNA (5'-D(*GP*TP*CP*TP*GP*GP*TP*AP*GP*TP*GP*AP*CP*T)-3')"
4 non-polymer 'ACETATE ION'
5 non-polymer 1,2-ETHANEDIOL
6 water water
#
loop_
_entity_poly.entity_id
_entity_poly.type
_entity_poly.pdbx_seq_one_letter_code
_entity_poly.pdbx_strand_id
1 'polypeptide(L)' SGHKPVPCGWERVVKQRLSGKTAGKFDVYFISPQGLKFRSKRSLANYLLKNGETFLKPEDFNFTVLPKG A
2 'polydeoxyribonucleotide' (DG)(DT)(DC)(DA)(DC)(DT)(DA)(DC)(5CM)(DG)(DG)(DA)(DC)(DA) B
3 'polydeoxyribonucleotide' (DG)(DT)(DC)(DT)(DG)(DG)(DT)(DA)(DG)(DT)(DG)(DA)(DC)(DT) C
#
# COMPACT_ATOMS: atom_id res chain seq x y z
N LYS A 4 2.63 9.66 5.85
CA LYS A 4 3.96 9.11 6.16
C LYS A 4 3.97 7.71 6.84
N PRO A 5 3.42 7.55 8.08
CA PRO A 5 3.50 6.21 8.71
C PRO A 5 3.05 5.04 7.78
N VAL A 6 1.88 5.18 7.14
CA VAL A 6 1.55 4.36 5.99
C VAL A 6 1.80 5.25 4.76
N PRO A 7 2.74 4.85 3.88
CA PRO A 7 3.09 5.59 2.68
C PRO A 7 1.86 6.03 1.88
N CYS A 8 1.97 7.19 1.27
CA CYS A 8 0.82 7.83 0.59
C CYS A 8 0.19 6.86 -0.41
N GLY A 9 -1.14 6.66 -0.32
CA GLY A 9 -1.88 5.84 -1.27
C GLY A 9 -1.90 4.33 -0.96
N TRP A 10 -1.08 3.89 -0.01
CA TRP A 10 -1.10 2.49 0.43
C TRP A 10 -2.10 2.35 1.57
N GLU A 11 -2.53 1.11 1.85
CA GLU A 11 -3.41 0.85 2.99
C GLU A 11 -2.81 -0.26 3.83
N ARG A 12 -2.98 -0.18 5.16
CA ARG A 12 -2.46 -1.24 6.02
C ARG A 12 -3.65 -1.87 6.71
N VAL A 13 -3.62 -3.21 6.83
CA VAL A 13 -4.67 -3.93 7.52
C VAL A 13 -4.03 -4.71 8.65
N VAL A 14 -4.63 -4.62 9.83
CA VAL A 14 -4.22 -5.44 10.99
C VAL A 14 -5.39 -6.32 11.32
N LYS A 15 -5.19 -7.62 11.51
CA LYS A 15 -6.27 -8.46 11.95
C LYS A 15 -5.78 -9.39 13.07
N GLN A 16 -6.67 -9.81 13.95
CA GLN A 16 -6.32 -10.77 15.03
C GLN A 16 -7.04 -12.10 14.86
N ARG A 17 -6.28 -13.20 14.78
CA ARG A 17 -6.92 -14.53 14.71
C ARG A 17 -7.72 -14.86 15.98
N LEU A 18 -8.83 -15.54 15.79
CA LEU A 18 -9.75 -15.73 16.88
C LEU A 18 -9.90 -17.23 17.25
N SER A 19 -9.35 -18.11 16.43
CA SER A 19 -9.65 -19.54 16.64
C SER A 19 -8.49 -20.40 16.22
N GLY A 20 -8.54 -21.70 16.56
CA GLY A 20 -7.46 -22.65 16.28
C GLY A 20 -6.20 -22.44 17.13
N LYS A 21 -5.09 -23.13 16.81
CA LYS A 21 -3.89 -23.07 17.63
C LYS A 21 -3.29 -21.69 17.64
N THR A 22 -3.54 -20.90 16.58
CA THR A 22 -2.93 -19.58 16.51
C THR A 22 -3.86 -18.46 16.97
N ALA A 23 -4.96 -18.81 17.62
CA ALA A 23 -5.83 -17.76 18.23
C ALA A 23 -5.04 -16.70 18.99
N GLY A 24 -5.34 -15.42 18.80
CA GLY A 24 -4.61 -14.32 19.44
C GLY A 24 -3.48 -13.66 18.65
N LYS A 25 -2.89 -14.41 17.71
CA LYS A 25 -1.80 -13.93 16.86
C LYS A 25 -2.42 -12.91 15.87
N PHE A 26 -1.63 -11.92 15.50
CA PHE A 26 -1.97 -10.86 14.55
C PHE A 26 -1.42 -11.14 13.14
N ASP A 27 -2.14 -10.67 12.13
CA ASP A 27 -1.60 -10.72 10.75
C ASP A 27 -1.71 -9.31 10.19
N VAL A 28 -0.67 -8.86 9.52
CA VAL A 28 -0.62 -7.48 9.04
C VAL A 28 -0.26 -7.60 7.57
N TYR A 29 -1.01 -6.91 6.72
CA TYR A 29 -0.64 -6.87 5.34
C TYR A 29 -0.94 -5.50 4.76
N PHE A 30 -0.36 -5.22 3.59
CA PHE A 30 -0.53 -3.89 2.99
C PHE A 30 -1.10 -4.04 1.55
N ILE A 31 -1.86 -3.02 1.11
CA ILE A 31 -2.42 -2.98 -0.23
C ILE A 31 -1.87 -1.72 -0.91
N SER A 32 -1.24 -1.93 -2.07
CA SER A 32 -0.53 -0.89 -2.80
C SER A 32 -1.61 0.01 -3.46
N PRO A 33 -1.18 1.18 -3.99
CA PRO A 33 -2.18 2.05 -4.66
C PRO A 33 -2.78 1.35 -5.85
N GLN A 34 -2.10 0.36 -6.43
CA GLN A 34 -2.69 -0.38 -7.54
C GLN A 34 -3.53 -1.61 -7.09
N GLY A 35 -3.71 -1.82 -5.78
CA GLY A 35 -4.49 -2.98 -5.36
C GLY A 35 -3.63 -4.25 -5.13
N LEU A 36 -2.29 -4.14 -5.13
CA LEU A 36 -1.46 -5.33 -4.95
C LEU A 36 -1.38 -5.63 -3.42
N LYS A 37 -1.59 -6.88 -3.02
CA LYS A 37 -1.58 -7.24 -1.60
C LYS A 37 -0.25 -7.87 -1.18
N PHE A 38 0.41 -7.33 -0.14
CA PHE A 38 1.68 -7.91 0.34
C PHE A 38 1.47 -8.41 1.76
N ARG A 39 1.62 -9.71 1.95
CA ARG A 39 1.44 -10.34 3.28
C ARG A 39 2.74 -10.48 4.13
N SER A 40 3.85 -9.98 3.60
CA SER A 40 5.13 -10.16 4.24
C SER A 40 6.05 -9.02 3.91
N LYS A 41 7.00 -8.81 4.80
CA LYS A 41 8.00 -7.78 4.55
C LYS A 41 8.90 -8.25 3.42
N ARG A 42 9.22 -9.55 3.40
CA ARG A 42 10.11 -10.11 2.36
C ARG A 42 9.56 -9.84 0.95
N SER A 43 8.28 -10.12 0.75
CA SER A 43 7.75 -9.98 -0.58
C SER A 43 7.62 -8.49 -1.00
N LEU A 44 7.18 -7.64 -0.07
CA LEU A 44 7.13 -6.20 -0.31
C LEU A 44 8.56 -5.62 -0.60
N ALA A 45 9.56 -5.99 0.22
CA ALA A 45 10.93 -5.59 -0.04
C ALA A 45 11.41 -5.98 -1.46
N ASN A 46 11.17 -7.23 -1.85
CA ASN A 46 11.54 -7.65 -3.18
C ASN A 46 10.86 -6.79 -4.26
N TYR A 47 9.56 -6.55 -4.10
CA TYR A 47 8.81 -5.72 -5.04
C TYR A 47 9.38 -4.28 -5.07
N LEU A 48 9.74 -3.73 -3.90
CA LEU A 48 10.19 -2.36 -3.86
C LEU A 48 11.50 -2.15 -4.61
N LEU A 49 12.32 -3.18 -4.77
CA LEU A 49 13.60 -3.05 -5.49
C LEU A 49 13.45 -2.36 -6.85
N LYS A 50 12.49 -2.84 -7.64
CA LYS A 50 12.29 -2.28 -8.97
C LYS A 50 11.05 -1.38 -9.08
N ASN A 51 10.10 -1.52 -8.16
CA ASN A 51 8.81 -0.83 -8.29
C ASN A 51 8.46 0.16 -7.21
N GLY A 52 9.44 0.54 -6.39
CA GLY A 52 9.14 1.45 -5.30
C GLY A 52 9.15 2.92 -5.66
N GLU A 53 9.73 3.26 -6.81
CA GLU A 53 9.77 4.66 -7.30
C GLU A 53 8.47 5.15 -7.84
N THR A 54 8.16 6.41 -7.54
CA THR A 54 7.04 7.15 -8.15
C THR A 54 7.63 8.38 -8.84
N PHE A 55 7.06 8.79 -9.97
CA PHE A 55 7.53 9.97 -10.70
C PHE A 55 6.34 10.91 -10.99
N LEU A 56 6.68 12.19 -11.14
CA LEU A 56 5.74 13.26 -11.41
C LEU A 56 6.11 14.02 -12.70
N LYS A 57 5.07 14.37 -13.46
CA LYS A 57 5.20 15.19 -14.66
C LYS A 57 4.31 16.39 -14.51
N PRO A 58 4.63 17.48 -15.23
CA PRO A 58 3.77 18.67 -15.25
C PRO A 58 2.31 18.35 -15.59
N GLU A 59 2.11 17.40 -16.49
CA GLU A 59 0.75 17.06 -16.90
C GLU A 59 -0.08 16.42 -15.79
N ASP A 60 0.56 16.03 -14.69
CA ASP A 60 -0.15 15.39 -13.54
C ASP A 60 -0.87 16.43 -12.72
N PHE A 61 -0.59 17.68 -12.98
CA PHE A 61 -1.14 18.80 -12.21
C PHE A 61 -2.03 19.66 -13.11
N ASN A 62 -3.28 19.80 -12.70
CA ASN A 62 -4.23 20.57 -13.48
C ASN A 62 -4.27 22.01 -13.01
N PHE A 63 -3.65 22.94 -13.75
CA PHE A 63 -3.78 24.37 -13.36
C PHE A 63 -4.95 25.15 -13.91
N THR A 64 -5.98 24.51 -14.41
CA THR A 64 -7.00 25.29 -15.12
C THR A 64 -8.36 25.14 -14.50
N VAL A 65 -9.21 26.14 -14.68
CA VAL A 65 -10.58 26.07 -14.23
C VAL A 65 -11.48 25.92 -15.51
N LEU A 66 -12.36 24.90 -15.56
CA LEU A 66 -13.20 24.62 -16.76
C LEU A 66 -14.25 25.66 -16.89
N PRO A 67 -14.67 25.92 -18.14
CA PRO A 67 -15.73 26.88 -18.42
C PRO A 67 -17.10 26.23 -18.27
N LYS A 68 -18.13 27.08 -18.39
CA LYS A 68 -19.55 26.79 -18.71
C LYS A 68 -20.55 27.48 -17.78
#